data_4R5I
#
_entry.id   4R5I
#
_cell.length_a   48.243
_cell.length_b   57.911
_cell.length_c   180.076
_cell.angle_alpha   90.00
_cell.angle_beta   90.00
_cell.angle_gamma   90.00
#
_symmetry.space_group_name_H-M   'I 2 2 2'
#
loop_
_entity.id
_entity.type
_entity.pdbx_description
1 polymer 'Chaperone protein DnaK'
2 polymer 'HSP70/DnaK Substrate Peptide:  NRLLLTG'
3 non-polymer 'SULFATE ION'
4 non-polymer 'PHOSPHATE ION'
5 water water
#
loop_
_entity_poly.entity_id
_entity_poly.type
_entity_poly.pdbx_seq_one_letter_code
_entity_poly.pdbx_strand_id
1 'polypeptide(L)'
;MHHHHHHIEGRVLLLDVTPLSLGIETMGGVMTTLIAKNTTIPTKHSQVFSTAEDNQSAVTIHVLQGERKRAADNKSLGQF
NLDGINPAPRGMPQIEVTFDIDADGILHVSAKDKNSGKEQKITIKASSGLNEDEIQKMVRDAEANAEADRKFEELVQTRN
QGDHLLHSTRKQVEEAGDKLPADDKTAIESALTALETALKGEDKAAIEAKMQELAQVSQKLMEIAQQQHA
;
A
2 'polypeptide(L)' NRLLLTG B
#
loop_
_chem_comp.id
_chem_comp.type
_chem_comp.name
_chem_comp.formula
PO4 non-polymer 'PHOSPHATE ION' 'O4 P -3'
SO4 non-polymer 'SULFATE ION' 'O4 S -2'
#
# COMPACT_ATOMS: atom_id res chain seq x y z
N HIS A 7 9.93 -29.80 -41.50
CA HIS A 7 9.86 -28.40 -41.07
C HIS A 7 8.49 -27.76 -41.40
N ILE A 8 7.67 -28.48 -42.19
CA ILE A 8 6.33 -28.03 -42.55
C ILE A 8 5.43 -27.89 -41.34
N GLU A 9 5.44 -28.91 -40.47
CA GLU A 9 4.69 -28.86 -39.21
C GLU A 9 5.36 -28.03 -38.11
N GLY A 10 4.54 -27.43 -37.25
CA GLY A 10 5.02 -26.54 -36.22
C GLY A 10 3.88 -26.34 -35.23
N ARG A 11 4.18 -25.70 -34.11
CA ARG A 11 3.16 -25.46 -33.12
C ARG A 11 2.79 -23.99 -33.13
N VAL A 12 1.54 -23.66 -32.84
CA VAL A 12 1.15 -22.26 -32.93
C VAL A 12 1.71 -21.50 -31.73
N LEU A 13 2.28 -20.32 -31.97
CA LEU A 13 2.85 -19.51 -30.87
C LEU A 13 1.75 -18.67 -30.29
N LEU A 14 1.54 -18.76 -28.98
CA LEU A 14 0.59 -17.91 -28.27
C LEU A 14 1.31 -17.20 -27.14
N LEU A 15 0.68 -16.16 -26.61
CA LEU A 15 1.20 -15.44 -25.45
C LEU A 15 0.09 -15.32 -24.42
N ASP A 16 0.41 -15.47 -23.14
CA ASP A 16 -0.56 -15.24 -22.09
C ASP A 16 -0.36 -13.79 -21.62
N VAL A 17 -1.47 -13.09 -21.40
CA VAL A 17 -1.44 -11.68 -20.98
C VAL A 17 -2.40 -11.59 -19.79
N THR A 18 -2.05 -10.80 -18.76
CA THR A 18 -3.00 -10.56 -17.70
C THR A 18 -3.98 -9.48 -18.17
N PRO A 19 -5.31 -9.73 -18.03
CA PRO A 19 -6.28 -8.77 -18.59
C PRO A 19 -6.69 -7.71 -17.60
N LEU A 20 -6.25 -7.91 -16.36
CA LEU A 20 -6.66 -7.06 -15.25
C LEU A 20 -5.44 -6.94 -14.36
N SER A 21 -5.26 -5.77 -13.75
CA SER A 21 -4.11 -5.55 -12.85
C SER A 21 -4.11 -6.54 -11.70
N LEU A 22 -2.92 -6.84 -11.17
CA LEU A 22 -2.80 -7.73 -10.04
C LEU A 22 -2.04 -7.01 -8.99
N GLY A 23 -2.43 -7.18 -7.73
CA GLY A 23 -1.76 -6.39 -6.69
C GLY A 23 -2.18 -6.87 -5.33
N ILE A 24 -1.93 -6.06 -4.29
CA ILE A 24 -2.31 -6.46 -2.94
C ILE A 24 -3.04 -5.34 -2.25
N GLU A 25 -3.79 -5.67 -1.21
CA GLU A 25 -4.44 -4.61 -0.45
C GLU A 25 -3.43 -3.88 0.47
N THR A 26 -3.45 -2.55 0.44
CA THR A 26 -2.61 -1.80 1.36
C THR A 26 -3.48 -0.87 2.19
N MET A 27 -2.81 -0.20 3.13
CA MET A 27 -3.50 0.60 4.15
C MET A 27 -4.53 1.53 3.59
N GLY A 28 -5.72 1.53 4.19
CA GLY A 28 -6.84 2.31 3.67
C GLY A 28 -7.80 1.47 2.81
N GLY A 29 -7.46 0.20 2.58
CA GLY A 29 -8.35 -0.71 1.84
C GLY A 29 -8.21 -0.44 0.35
N VAL A 30 -7.01 -0.09 -0.06
CA VAL A 30 -6.87 0.29 -1.45
C VAL A 30 -6.09 -0.85 -2.14
N MET A 31 -6.31 -1.10 -3.42
CA MET A 31 -5.44 -2.07 -4.11
C MET A 31 -4.22 -1.37 -4.66
N THR A 32 -3.03 -1.86 -4.33
CA THR A 32 -1.79 -1.37 -4.91
C THR A 32 -1.31 -2.39 -5.96
N THR A 33 -1.04 -1.92 -7.18
CA THR A 33 -0.76 -2.81 -8.31
C THR A 33 0.69 -3.27 -8.36
N LEU A 34 0.92 -4.56 -8.51
CA LEU A 34 2.30 -5.01 -8.74
C LEU A 34 2.52 -5.35 -10.19
N ILE A 35 1.49 -5.94 -10.81
CA ILE A 35 1.53 -6.22 -12.25
C ILE A 35 0.42 -5.48 -12.96
N ALA A 36 0.82 -4.65 -13.92
CA ALA A 36 -0.09 -3.87 -14.76
C ALA A 36 -0.95 -4.75 -15.68
N LYS A 37 -2.14 -4.26 -16.00
CA LYS A 37 -3.05 -4.89 -16.94
C LYS A 37 -2.30 -5.00 -18.26
N ASN A 38 -2.60 -6.03 -19.04
CA ASN A 38 -2.00 -6.23 -20.35
C ASN A 38 -0.48 -6.45 -20.34
N THR A 39 0.02 -7.03 -19.25
CA THR A 39 1.40 -7.51 -19.15
C THR A 39 1.51 -8.94 -19.61
N THR A 40 2.50 -9.18 -20.46
CA THR A 40 2.76 -10.52 -21.02
C THR A 40 3.43 -11.41 -20.01
N ILE A 41 3.11 -12.70 -20.10
CA ILE A 41 3.61 -13.73 -19.22
C ILE A 41 4.74 -14.41 -19.99
N PRO A 42 5.83 -14.83 -19.32
CA PRO A 42 6.12 -14.74 -17.88
C PRO A 42 6.50 -13.36 -17.44
N THR A 43 6.35 -13.08 -16.15
CA THR A 43 6.70 -11.76 -15.72
C THR A 43 6.99 -11.81 -14.25
N LYS A 44 7.85 -10.92 -13.80
CA LYS A 44 8.15 -10.91 -12.37
C LYS A 44 8.26 -9.48 -11.91
N HIS A 45 7.49 -9.12 -10.89
CA HIS A 45 7.56 -7.76 -10.35
C HIS A 45 7.57 -7.82 -8.84
N SER A 46 8.24 -6.86 -8.21
CA SER A 46 8.22 -6.83 -6.76
C SER A 46 8.17 -5.39 -6.31
N GLN A 47 7.60 -5.16 -5.11
CA GLN A 47 7.70 -3.87 -4.44
C GLN A 47 7.93 -4.13 -2.97
N VAL A 48 8.51 -3.15 -2.28
CA VAL A 48 8.74 -3.25 -0.83
C VAL A 48 7.65 -2.51 -0.10
N PHE A 49 7.11 -3.17 0.93
CA PHE A 49 6.10 -2.55 1.78
C PHE A 49 6.62 -2.58 3.20
N SER A 50 5.94 -1.87 4.10
CA SER A 50 6.36 -2.01 5.47
C SER A 50 5.15 -2.07 6.39
N THR A 51 5.42 -1.94 7.69
CA THR A 51 4.38 -2.12 8.69
C THR A 51 3.72 -0.78 8.90
N ALA A 52 2.47 -0.84 9.32
CA ALA A 52 1.69 0.37 9.56
C ALA A 52 1.83 0.86 11.01
N GLU A 53 2.25 0.00 11.94
CA GLU A 53 2.38 0.46 13.35
C GLU A 53 3.73 0.07 13.91
N ASP A 54 4.22 0.82 14.89
CA ASP A 54 5.38 0.38 15.67
C ASP A 54 5.08 -0.98 16.29
N ASN A 55 6.08 -1.87 16.33
CA ASN A 55 5.98 -3.18 17.01
C ASN A 55 5.06 -4.22 16.33
N GLN A 56 4.62 -3.93 15.12
CA GLN A 56 3.65 -4.81 14.45
C GLN A 56 4.38 -6.10 14.13
N SER A 57 3.76 -7.24 14.46
CA SER A 57 4.50 -8.52 14.34
C SER A 57 4.14 -9.32 13.10
N ALA A 58 3.15 -8.86 12.34
CA ALA A 58 2.67 -9.60 11.16
C ALA A 58 2.09 -8.65 10.18
N VAL A 59 2.08 -9.05 8.90
CA VAL A 59 1.33 -8.32 7.89
C VAL A 59 0.50 -9.33 7.12
N THR A 60 -0.65 -8.88 6.65
CA THR A 60 -1.52 -9.73 5.80
C THR A 60 -1.31 -9.36 4.37
N ILE A 61 -1.06 -10.37 3.53
CA ILE A 61 -0.90 -10.13 2.11
C ILE A 61 -2.14 -10.67 1.45
N HIS A 62 -2.96 -9.75 0.95
CA HIS A 62 -4.23 -10.11 0.35
C HIS A 62 -4.10 -9.80 -1.15
N VAL A 63 -4.07 -10.87 -1.94
CA VAL A 63 -3.80 -10.78 -3.37
C VAL A 63 -5.11 -10.61 -4.11
N LEU A 64 -5.10 -9.57 -4.96
CA LEU A 64 -6.30 -9.09 -5.65
C LEU A 64 -6.07 -8.97 -7.15
N GLN A 65 -7.14 -9.12 -7.90
CA GLN A 65 -7.07 -8.88 -9.36
C GLN A 65 -8.24 -8.02 -9.77
N GLY A 66 -7.97 -7.02 -10.60
CA GLY A 66 -9.06 -6.21 -11.13
C GLY A 66 -8.64 -4.77 -11.31
N GLU A 67 -9.60 -3.92 -11.71
CA GLU A 67 -9.27 -2.54 -12.06
C GLU A 67 -9.88 -1.51 -11.16
N ARG A 68 -10.49 -1.96 -10.05
CA ARG A 68 -11.10 -1.01 -9.12
C ARG A 68 -10.10 -0.59 -8.09
N LYS A 69 -10.41 0.49 -7.41
CA LYS A 69 -9.48 1.04 -6.40
C LYS A 69 -9.74 0.49 -5.02
N ARG A 70 -11.00 0.27 -4.68
CA ARG A 70 -11.32 -0.36 -3.39
C ARG A 70 -10.97 -1.81 -3.49
N ALA A 71 -10.20 -2.31 -2.53
CA ALA A 71 -9.82 -3.71 -2.49
C ALA A 71 -11.06 -4.59 -2.52
N ALA A 72 -12.09 -4.21 -1.77
CA ALA A 72 -13.28 -5.02 -1.66
C ALA A 72 -13.97 -5.21 -3.00
N ASP A 73 -13.70 -4.31 -3.95
CA ASP A 73 -14.40 -4.32 -5.24
C ASP A 73 -13.63 -5.03 -6.36
N ASN A 74 -12.47 -5.58 -6.02
CA ASN A 74 -11.71 -6.44 -6.91
C ASN A 74 -11.86 -7.93 -6.59
N LYS A 75 -11.33 -8.79 -7.46
CA LYS A 75 -11.37 -10.22 -7.23
C LYS A 75 -10.28 -10.68 -6.21
N SER A 76 -10.73 -11.30 -5.11
CA SER A 76 -9.80 -11.86 -4.14
C SER A 76 -9.25 -13.17 -4.66
N LEU A 77 -7.92 -13.27 -4.74
CA LEU A 77 -7.28 -14.49 -5.26
C LEU A 77 -6.68 -15.29 -4.13
N GLY A 78 -6.22 -14.60 -3.09
CA GLY A 78 -5.75 -15.39 -1.96
C GLY A 78 -5.27 -14.48 -0.83
N GLN A 79 -4.91 -15.06 0.30
CA GLN A 79 -4.49 -14.20 1.42
C GLN A 79 -3.64 -15.05 2.32
N PHE A 80 -2.52 -14.49 2.81
CA PHE A 80 -1.72 -15.23 3.82
C PHE A 80 -1.02 -14.22 4.71
N ASN A 81 -0.53 -14.67 5.86
CA ASN A 81 0.19 -13.73 6.71
C ASN A 81 1.66 -13.99 6.63
N LEU A 82 2.45 -12.93 6.77
CA LEU A 82 3.87 -13.09 7.12
C LEU A 82 3.97 -12.62 8.54
N ASP A 83 4.28 -13.51 9.47
CA ASP A 83 4.49 -13.06 10.83
C ASP A 83 5.91 -13.30 11.32
N GLY A 84 6.10 -13.24 12.64
CA GLY A 84 7.40 -13.29 13.30
C GLY A 84 8.24 -12.08 12.94
N ILE A 85 7.62 -10.96 12.59
CA ILE A 85 8.37 -9.72 12.37
C ILE A 85 8.74 -9.22 13.79
N ASN A 86 10.03 -9.11 14.07
CA ASN A 86 10.46 -8.74 15.41
C ASN A 86 10.08 -7.27 15.65
N PRO A 87 9.74 -6.91 16.88
CA PRO A 87 9.25 -5.55 17.16
C PRO A 87 10.20 -4.47 16.62
N ALA A 88 9.70 -3.53 15.84
CA ALA A 88 10.53 -2.42 15.34
C ALA A 88 9.65 -1.21 15.08
N PRO A 89 10.27 0.00 14.98
CA PRO A 89 9.49 1.15 14.51
C PRO A 89 8.78 0.89 13.20
N ARG A 90 7.63 1.51 13.04
CA ARG A 90 6.89 1.46 11.78
C ARG A 90 7.81 1.90 10.64
N GLY A 91 7.75 1.23 9.50
CA GLY A 91 8.53 1.61 8.34
C GLY A 91 9.92 0.95 8.32
N MET A 92 10.30 0.30 9.41
CA MET A 92 11.62 -0.35 9.45
C MET A 92 11.61 -1.71 8.73
N PRO A 93 10.61 -2.58 9.00
CA PRO A 93 10.60 -3.82 8.24
C PRO A 93 10.55 -3.55 6.75
N GLN A 94 11.16 -4.42 5.96
CA GLN A 94 11.16 -4.24 4.52
C GLN A 94 10.56 -5.48 3.90
N ILE A 95 9.24 -5.44 3.71
CA ILE A 95 8.52 -6.63 3.28
C ILE A 95 8.46 -6.60 1.77
N GLU A 96 9.36 -7.34 1.13
CA GLU A 96 9.37 -7.31 -0.32
C GLU A 96 8.37 -8.36 -0.80
N VAL A 97 7.40 -7.92 -1.64
CA VAL A 97 6.34 -8.78 -2.11
C VAL A 97 6.58 -8.92 -3.60
N THR A 98 6.66 -10.17 -4.06
CA THR A 98 7.05 -10.49 -5.41
C THR A 98 5.94 -11.31 -6.00
N PHE A 99 5.46 -10.86 -7.16
CA PHE A 99 4.45 -11.56 -7.95
C PHE A 99 5.26 -12.08 -9.15
N ASP A 100 5.28 -13.39 -9.31
CA ASP A 100 6.04 -14.04 -10.35
C ASP A 100 5.08 -15.00 -11.05
N ILE A 101 4.74 -14.70 -12.30
CA ILE A 101 3.86 -15.56 -13.06
C ILE A 101 4.71 -16.29 -14.08
N ASP A 102 4.73 -17.62 -13.99
CA ASP A 102 5.59 -18.42 -14.89
C ASP A 102 4.88 -18.72 -16.19
N ALA A 103 5.59 -19.34 -17.13
CA ALA A 103 5.02 -19.59 -18.45
C ALA A 103 3.76 -20.49 -18.41
N ASP A 104 3.49 -21.11 -17.27
CA ASP A 104 2.33 -21.99 -17.15
C ASP A 104 1.11 -21.30 -16.55
N GLY A 105 1.22 -20.00 -16.34
CA GLY A 105 0.08 -19.22 -15.85
C GLY A 105 -0.07 -19.34 -14.35
N ILE A 106 0.93 -19.87 -13.67
CA ILE A 106 0.84 -20.01 -12.22
C ILE A 106 1.35 -18.74 -11.56
N LEU A 107 0.57 -18.14 -10.66
CA LEU A 107 1.08 -16.91 -10.05
C LEU A 107 1.67 -17.23 -8.67
N HIS A 108 2.97 -17.01 -8.52
CA HIS A 108 3.70 -17.28 -7.26
C HIS A 108 3.81 -15.98 -6.51
N VAL A 109 3.33 -15.96 -5.27
CA VAL A 109 3.41 -14.73 -4.49
C VAL A 109 4.26 -15.02 -3.28
N SER A 110 5.27 -14.17 -3.09
CA SER A 110 6.20 -14.28 -1.97
C SER A 110 6.19 -12.97 -1.18
N ALA A 111 6.21 -13.05 0.15
CA ALA A 111 6.48 -11.87 0.96
C ALA A 111 7.64 -12.23 1.84
N LYS A 112 8.70 -11.43 1.75
CA LYS A 112 9.90 -11.72 2.51
C LYS A 112 10.38 -10.48 3.22
N ASP A 113 10.59 -10.57 4.54
CA ASP A 113 11.21 -9.43 5.24
C ASP A 113 12.70 -9.49 4.93
N LYS A 114 13.18 -8.54 4.13
CA LYS A 114 14.58 -8.55 3.70
C LYS A 114 15.52 -8.24 4.84
N ASN A 115 15.00 -7.69 5.93
CA ASN A 115 15.89 -7.48 7.09
C ASN A 115 16.26 -8.79 7.75
N SER A 116 15.36 -9.78 7.73
CA SER A 116 15.52 -10.98 8.57
C SER A 116 15.56 -12.25 7.71
N GLY A 117 15.14 -12.10 6.46
CA GLY A 117 15.10 -13.22 5.54
C GLY A 117 13.85 -14.09 5.70
N LYS A 118 12.96 -13.75 6.63
CA LYS A 118 11.77 -14.57 6.85
C LYS A 118 10.79 -14.43 5.71
N GLU A 119 10.24 -15.53 5.25
CA GLU A 119 9.46 -15.47 4.00
C GLU A 119 8.22 -16.37 4.09
N GLN A 120 7.13 -15.97 3.45
CA GLN A 120 5.98 -16.86 3.31
C GLN A 120 5.47 -16.73 1.89
N LYS A 121 4.82 -17.78 1.39
CA LYS A 121 4.45 -17.84 -0.02
C LYS A 121 3.03 -18.42 -0.20
N ILE A 122 2.38 -18.08 -1.32
CA ILE A 122 1.26 -18.88 -1.79
C ILE A 122 1.41 -19.03 -3.30
N THR A 123 0.67 -19.99 -3.84
CA THR A 123 0.65 -20.22 -5.26
C THR A 123 -0.82 -20.10 -5.69
N ILE A 124 -1.09 -19.35 -6.76
CA ILE A 124 -2.47 -19.17 -7.24
C ILE A 124 -2.54 -19.71 -8.67
N LYS A 125 -3.37 -20.72 -8.94
CA LYS A 125 -3.48 -21.29 -10.31
C LYS A 125 -4.28 -20.37 -11.24
N ALA A 126 -4.15 -20.53 -12.57
CA ALA A 126 -4.90 -19.71 -13.51
C ALA A 126 -6.30 -20.32 -13.73
N SER A 127 -7.30 -19.50 -14.05
CA SER A 127 -8.65 -20.05 -14.22
C SER A 127 -8.59 -20.85 -15.48
N SER A 128 -9.30 -21.98 -15.54
CA SER A 128 -9.36 -22.72 -16.80
C SER A 128 -10.37 -22.02 -17.72
N GLY A 129 -9.96 -21.78 -18.97
CA GLY A 129 -10.75 -20.98 -19.89
C GLY A 129 -12.08 -21.67 -20.09
N LEU A 130 -13.12 -20.92 -20.41
CA LEU A 130 -13.06 -19.52 -20.81
C LEU A 130 -13.63 -18.64 -19.71
N ASN A 131 -13.09 -17.44 -19.54
CA ASN A 131 -13.68 -16.53 -18.58
C ASN A 131 -13.92 -15.15 -19.18
N GLU A 132 -14.29 -15.10 -20.44
CA GLU A 132 -14.51 -13.81 -21.09
C GLU A 132 -15.55 -12.93 -20.40
N ASP A 133 -16.70 -13.50 -20.01
CA ASP A 133 -17.74 -12.70 -19.36
C ASP A 133 -17.32 -12.13 -18.01
N GLU A 134 -16.48 -12.87 -17.30
CA GLU A 134 -16.09 -12.43 -15.98
C GLU A 134 -15.18 -11.23 -16.16
N ILE A 135 -14.25 -11.37 -17.11
CA ILE A 135 -13.28 -10.31 -17.36
C ILE A 135 -13.99 -9.06 -17.87
N GLN A 136 -14.91 -9.26 -18.81
CA GLN A 136 -15.69 -8.14 -19.34
C GLN A 136 -16.49 -7.44 -18.26
N LYS A 137 -17.09 -8.22 -17.37
CA LYS A 137 -17.92 -7.63 -16.33
C LYS A 137 -17.03 -6.81 -15.40
N MET A 138 -15.86 -7.32 -15.04
CA MET A 138 -14.94 -6.53 -14.21
C MET A 138 -14.42 -5.23 -14.86
N VAL A 139 -14.12 -5.30 -16.16
CA VAL A 139 -13.69 -4.13 -16.91
C VAL A 139 -14.84 -3.09 -16.94
N ARG A 140 -16.04 -3.51 -17.37
CA ARG A 140 -17.23 -2.65 -17.30
C ARG A 140 -17.47 -2.05 -15.91
N ASP A 141 -17.28 -2.83 -14.86
CA ASP A 141 -17.55 -2.36 -13.51
C ASP A 141 -16.56 -1.27 -13.17
N ALA A 142 -15.30 -1.46 -13.57
CA ALA A 142 -14.31 -0.39 -13.34
C ALA A 142 -14.57 0.88 -14.19
N GLU A 143 -14.98 0.72 -15.44
CA GLU A 143 -15.25 1.88 -16.29
C GLU A 143 -16.44 2.67 -15.77
N ALA A 144 -17.49 1.96 -15.36
CA ALA A 144 -18.68 2.65 -14.84
C ALA A 144 -18.34 3.46 -13.59
N ASN A 145 -17.39 2.99 -12.79
CA ASN A 145 -17.11 3.65 -11.51
C ASN A 145 -15.80 4.41 -11.51
N ALA A 146 -15.29 4.84 -12.67
CA ALA A 146 -13.91 5.34 -12.73
C ALA A 146 -13.78 6.60 -11.90
N GLU A 147 -14.78 7.48 -11.99
CA GLU A 147 -14.79 8.70 -11.17
C GLU A 147 -14.81 8.46 -9.68
N ALA A 148 -15.78 7.67 -9.20
CA ALA A 148 -15.89 7.40 -7.76
C ALA A 148 -14.64 6.74 -7.22
N ASP A 149 -14.10 5.79 -7.99
CA ASP A 149 -12.90 5.08 -7.58
C ASP A 149 -11.72 6.02 -7.47
N ARG A 150 -11.62 6.94 -8.44
CA ARG A 150 -10.54 7.92 -8.42
C ARG A 150 -10.66 8.77 -7.16
N LYS A 151 -11.86 9.22 -6.81
CA LYS A 151 -12.01 10.04 -5.61
C LYS A 151 -11.68 9.27 -4.31
N PHE A 152 -12.08 8.00 -4.28
CA PHE A 152 -11.70 7.15 -3.16
C PHE A 152 -10.19 7.04 -3.05
N GLU A 153 -9.53 6.81 -4.19
CA GLU A 153 -8.10 6.54 -4.15
C GLU A 153 -7.39 7.78 -3.68
N GLU A 154 -7.77 8.92 -4.25
CA GLU A 154 -7.16 10.20 -3.83
C GLU A 154 -7.41 10.54 -2.36
N LEU A 155 -8.62 10.27 -1.86
CA LEU A 155 -8.87 10.47 -0.41
C LEU A 155 -7.99 9.58 0.47
N VAL A 156 -7.88 8.31 0.08
CA VAL A 156 -7.07 7.37 0.86
C VAL A 156 -5.63 7.80 0.82
N GLN A 157 -5.15 8.22 -0.34
CA GLN A 157 -3.74 8.63 -0.47
C GLN A 157 -3.50 9.83 0.43
N THR A 158 -4.46 10.75 0.44
CA THR A 158 -4.32 12.00 1.19
C THR A 158 -4.28 11.70 2.68
N ARG A 159 -5.18 10.83 3.12
CA ARG A 159 -5.24 10.47 4.52
C ARG A 159 -3.97 9.75 4.91
N ASN A 160 -3.49 8.86 4.05
CA ASN A 160 -2.22 8.16 4.37
C ASN A 160 -1.04 9.10 4.44
N GLN A 161 -1.02 10.12 3.59
CA GLN A 161 0.06 11.12 3.71
C GLN A 161 -0.06 11.95 5.01
N GLY A 162 -1.27 12.34 5.36
CA GLY A 162 -1.48 13.09 6.59
C GLY A 162 -1.08 12.20 7.74
N ASP A 163 -1.41 10.92 7.65
CA ASP A 163 -1.08 9.98 8.73
C ASP A 163 0.44 9.84 8.87
N HIS A 164 1.13 9.84 7.73
CA HIS A 164 2.61 9.81 7.72
C HIS A 164 3.23 11.04 8.42
N LEU A 165 2.72 12.24 8.07
CA LEU A 165 3.21 13.49 8.70
C LEU A 165 2.92 13.52 10.19
N LEU A 166 1.71 13.08 10.54
CA LEU A 166 1.31 13.04 11.93
C LEU A 166 2.27 12.13 12.71
N HIS A 167 2.43 10.92 12.21
CA HIS A 167 3.32 9.98 12.90
C HIS A 167 4.78 10.44 13.01
N SER A 168 5.39 10.94 11.92
CA SER A 168 6.82 11.29 12.06
C SER A 168 7.00 12.57 12.85
N THR A 169 5.99 13.44 12.83
CA THR A 169 6.14 14.67 13.60
C THR A 169 6.06 14.31 15.08
N ARG A 170 5.10 13.47 15.45
CA ARG A 170 4.99 12.99 16.83
C ARG A 170 6.27 12.33 17.31
N LYS A 171 6.86 11.46 16.48
CA LYS A 171 8.17 10.90 16.82
C LYS A 171 9.16 12.00 17.08
N GLN A 172 9.18 13.02 16.22
CA GLN A 172 10.15 14.12 16.44
C GLN A 172 9.91 14.96 17.70
N VAL A 173 8.64 15.12 18.08
CA VAL A 173 8.32 15.78 19.35
C VAL A 173 8.87 14.93 20.51
N GLU A 174 8.56 13.64 20.48
CA GLU A 174 8.97 12.74 21.56
C GLU A 174 10.48 12.73 21.70
N GLU A 175 11.18 12.69 20.58
CA GLU A 175 12.64 12.76 20.61
C GLU A 175 13.12 14.14 21.05
N ALA A 176 12.39 15.20 20.74
CA ALA A 176 12.87 16.53 21.11
C ALA A 176 12.83 16.69 22.62
N GLY A 177 11.87 16.01 23.26
CA GLY A 177 11.78 16.04 24.72
C GLY A 177 11.73 17.46 25.22
N ASP A 178 12.31 17.71 26.41
CA ASP A 178 12.28 19.03 27.02
C ASP A 178 13.03 20.12 26.27
N LYS A 179 13.77 19.77 25.22
CA LYS A 179 14.46 20.83 24.48
C LYS A 179 13.46 21.64 23.61
N LEU A 180 12.28 21.09 23.37
CA LEU A 180 11.26 21.81 22.63
C LEU A 180 10.62 22.89 23.51
N PRO A 181 10.77 24.17 23.12
CA PRO A 181 10.18 25.24 23.91
C PRO A 181 8.67 25.06 24.03
N ALA A 182 8.07 25.60 25.09
CA ALA A 182 6.65 25.39 25.35
C ALA A 182 5.77 26.00 24.28
N ASP A 183 6.14 27.19 23.77
CA ASP A 183 5.35 27.84 22.71
C ASP A 183 5.23 26.85 21.55
N ASP A 184 6.37 26.35 21.10
CA ASP A 184 6.41 25.40 20.00
C ASP A 184 5.66 24.11 20.30
N LYS A 185 5.94 23.55 21.45
CA LYS A 185 5.29 22.32 21.87
C LYS A 185 3.75 22.43 21.77
N THR A 186 3.23 23.55 22.23
CA THR A 186 1.79 23.76 22.23
C THR A 186 1.27 23.94 20.83
N ALA A 187 1.98 24.73 20.02
CA ALA A 187 1.56 24.95 18.63
C ALA A 187 1.51 23.65 17.83
N ILE A 188 2.57 22.87 17.94
CA ILE A 188 2.68 21.60 17.23
C ILE A 188 1.63 20.62 17.72
N GLU A 189 1.49 20.50 19.02
CA GLU A 189 0.52 19.56 19.58
C GLU A 189 -0.91 19.88 19.11
N SER A 190 -1.23 21.16 19.13
CA SER A 190 -2.52 21.64 18.65
C SER A 190 -2.72 21.35 17.16
N ALA A 191 -1.70 21.60 16.34
CA ALA A 191 -1.77 21.25 14.92
C ALA A 191 -1.85 19.74 14.64
N LEU A 192 -1.24 18.94 15.53
CA LEU A 192 -1.32 17.51 15.40
C LEU A 192 -2.79 17.15 15.59
N THR A 193 -3.42 17.75 16.58
CA THR A 193 -4.82 17.40 16.84
C THR A 193 -5.70 17.81 15.67
N ALA A 194 -5.41 18.96 15.07
CA ALA A 194 -6.28 19.46 14.01
C ALA A 194 -6.14 18.56 12.78
N LEU A 195 -4.93 18.09 12.51
CA LEU A 195 -4.70 17.21 11.37
C LEU A 195 -5.39 15.88 11.62
N GLU A 196 -5.24 15.39 12.84
CA GLU A 196 -5.84 14.14 13.22
C GLU A 196 -7.36 14.21 13.01
N THR A 197 -7.98 15.33 13.40
CA THR A 197 -9.42 15.51 13.10
C THR A 197 -9.74 15.60 11.60
N ALA A 198 -8.94 16.34 10.83
CA ALA A 198 -9.17 16.40 9.37
C ALA A 198 -9.11 15.02 8.75
N LEU A 199 -8.25 14.15 9.27
CA LEU A 199 -8.09 12.86 8.61
C LEU A 199 -9.35 12.02 8.70
N LYS A 200 -10.21 12.32 9.66
CA LYS A 200 -11.48 11.56 9.82
C LYS A 200 -12.49 12.08 8.84
N GLY A 201 -12.15 13.19 8.18
CA GLY A 201 -13.10 13.78 7.24
C GLY A 201 -12.92 13.18 5.86
N GLU A 202 -13.67 13.72 4.90
CA GLU A 202 -13.56 13.33 3.50
C GLU A 202 -13.14 14.51 2.65
N ASP A 203 -12.67 15.58 3.30
CA ASP A 203 -12.27 16.77 2.58
C ASP A 203 -10.75 16.69 2.40
N LYS A 204 -10.29 16.35 1.19
CA LYS A 204 -8.86 16.32 0.88
C LYS A 204 -8.21 17.69 1.10
N ALA A 205 -8.89 18.77 0.69
CA ALA A 205 -8.31 20.10 0.81
C ALA A 205 -8.07 20.39 2.28
N ALA A 206 -8.95 19.92 3.14
CA ALA A 206 -8.80 20.28 4.55
C ALA A 206 -7.65 19.51 5.16
N ILE A 207 -7.49 18.24 4.76
CA ILE A 207 -6.32 17.48 5.21
C ILE A 207 -5.05 18.14 4.76
N GLU A 208 -4.94 18.49 3.47
CA GLU A 208 -3.71 19.17 3.04
C GLU A 208 -3.45 20.49 3.76
N ALA A 209 -4.50 21.27 3.99
CA ALA A 209 -4.37 22.50 4.72
C ALA A 209 -3.82 22.22 6.14
N LYS A 210 -4.32 21.18 6.80
CA LYS A 210 -3.84 20.91 8.16
C LYS A 210 -2.40 20.34 8.18
N MET A 211 -2.04 19.62 7.14
CA MET A 211 -0.66 19.16 6.98
C MET A 211 0.26 20.34 6.84
N GLN A 212 -0.15 21.32 6.05
CA GLN A 212 0.69 22.52 5.84
C GLN A 212 0.79 23.35 7.10
N GLU A 213 -0.31 23.49 7.82
CA GLU A 213 -0.24 24.24 9.08
C GLU A 213 0.69 23.56 10.08
N LEU A 214 0.58 22.24 10.19
CA LEU A 214 1.51 21.45 11.02
C LEU A 214 2.97 21.70 10.62
N ALA A 215 3.30 21.51 9.34
CA ALA A 215 4.69 21.74 8.92
C ALA A 215 5.15 23.16 9.18
N GLN A 216 4.24 24.13 9.05
CA GLN A 216 4.58 25.54 9.30
C GLN A 216 4.97 25.77 10.73
N VAL A 217 4.37 25.04 11.67
CA VAL A 217 4.75 25.32 13.07
C VAL A 217 5.83 24.38 13.63
N SER A 218 6.40 23.53 12.78
CA SER A 218 7.29 22.45 13.21
C SER A 218 8.75 22.69 12.87
N GLN A 219 9.14 23.91 12.50
CA GLN A 219 10.51 24.15 12.07
C GLN A 219 11.55 24.17 13.21
N LYS A 220 11.21 24.74 14.37
CA LYS A 220 12.13 24.71 15.53
C LYS A 220 12.37 23.23 15.85
N LEU A 221 11.28 22.46 15.79
CA LEU A 221 11.33 21.02 16.03
C LEU A 221 12.30 20.32 15.11
N MET A 222 12.24 20.66 13.82
CA MET A 222 13.13 20.02 12.88
C MET A 222 14.57 20.40 13.16
N GLU A 223 14.82 21.63 13.60
CA GLU A 223 16.20 21.94 13.95
C GLU A 223 16.70 21.05 15.09
N ILE A 224 16.00 21.04 16.23
CA ILE A 224 16.39 20.15 17.33
C ILE A 224 16.58 18.69 16.87
N ALA A 225 15.61 18.17 16.11
CA ALA A 225 15.66 16.80 15.57
C ALA A 225 16.96 16.54 14.81
N GLN A 226 17.39 17.58 14.12
CA GLN A 226 18.59 17.53 13.29
C GLN A 226 19.84 17.61 14.19
N GLN A 227 19.72 18.27 15.34
CA GLN A 227 20.84 18.50 16.26
C GLN A 227 21.00 17.46 17.38
N GLN A 228 20.23 16.37 17.30
CA GLN A 228 20.19 15.30 18.32
C GLN A 228 19.93 15.81 19.75
N ASN B 1 7.58 2.61 0.11
CA ASN B 1 6.89 1.66 0.94
C ASN B 1 5.46 2.08 1.34
N ARG B 2 4.48 1.50 0.68
CA ARG B 2 3.12 1.51 1.19
C ARG B 2 3.07 0.57 2.38
N LEU B 3 2.04 0.75 3.21
CA LEU B 3 1.96 0.06 4.44
C LEU B 3 0.95 -1.07 4.39
N LEU B 4 1.17 -2.06 5.24
CA LEU B 4 0.27 -3.22 5.28
C LEU B 4 -0.24 -3.37 6.72
N LEU B 5 -1.49 -3.79 6.86
CA LEU B 5 -1.97 -4.10 8.22
C LEU B 5 -1.85 -5.59 8.50
N THR B 6 -2.23 -5.96 9.72
CA THR B 6 -2.44 -7.34 10.13
C THR B 6 -3.82 -7.79 9.64
S SO4 C . -14.55 -12.16 -4.92
O1 SO4 C . -14.98 -13.18 -3.96
O2 SO4 C . -15.04 -10.85 -4.52
O3 SO4 C . -13.09 -12.14 -4.96
O4 SO4 C . -15.07 -12.49 -6.26
S SO4 D . 8.04 -21.89 -4.96
O1 SO4 D . 8.48 -23.28 -4.83
O2 SO4 D . 8.97 -21.02 -4.24
O3 SO4 D . 8.04 -21.52 -6.39
O4 SO4 D . 6.69 -21.75 -4.44
S SO4 E . 7.38 -6.71 -17.88
O1 SO4 E . 8.74 -6.15 -17.97
O2 SO4 E . 6.53 -5.81 -17.11
O3 SO4 E . 6.83 -6.84 -19.22
O4 SO4 E . 7.43 -8.01 -17.21
P PO4 F . -11.83 17.97 -2.11
O1 PO4 F . -11.99 16.68 -1.31
O2 PO4 F . -11.05 18.98 -1.36
O3 PO4 F . -11.05 17.72 -3.38
O4 PO4 F . -13.18 18.54 -2.47
P PO4 G . -12.83 -19.11 -9.32
O1 PO4 G . -12.10 -20.08 -8.41
O2 PO4 G . -14.18 -18.77 -8.71
O3 PO4 G . -11.98 -17.86 -9.45
O4 PO4 G . -13.05 -19.75 -10.67
P PO4 H . -2.02 -17.81 7.03
O1 PO4 H . -1.88 -17.92 8.54
O2 PO4 H . -3.18 -16.88 6.72
O3 PO4 H . -0.76 -17.31 6.37
O4 PO4 H . -2.35 -19.19 6.47
P PO4 I . 6.75 7.28 9.78
O1 PO4 I . 6.83 7.57 11.28
O2 PO4 I . 5.45 7.81 9.20
O3 PO4 I . 7.94 7.94 9.12
O4 PO4 I . 6.80 5.77 9.55
#